data_6CDR
#
_entry.id   6CDR
#
_cell.length_a   89.218
_cell.length_b   89.218
_cell.length_c   164.233
_cell.angle_alpha   90.00
_cell.angle_beta   90.00
_cell.angle_gamma   120.00
#
_symmetry.space_group_name_H-M   'P 64 2 2'
#
loop_
_entity.id
_entity.type
_entity.pdbx_description
1 polymer 'C-terminal-binding protein 1'
2 non-polymer '1,4-DIHYDRONICOTINAMIDE ADENINE DINUCLEOTIDE'
3 non-polymer 'CHLORIDE ION'
4 non-polymer 1,2-ETHANEDIOL
5 non-polymer 'FORMIC ACID'
6 water water
#
_entity_poly.entity_id   1
_entity_poly.type   'polypeptide(L)'
_entity_poly.pdbx_seq_one_letter_code
;MGSSHHHHHHSSGLVPRGSHMPLVALLDGRDCTVEMPILKDVATVAFCDAQSTQEIHEKVLNEAVGALMYHTITLTREDL
EKFKALRIIVRIGSGFDNIDIKSAGDLGIAVCNVPAVSVEETADSTLCHILNLYRRATWLHQALREGTRVQSVEQIREVA
SGAARIRGETLGIIGLGRVGQAVALRAKAFGFNVLFYDPYLSDGVERALGLQRVSTLQDLLFHSDCVTLHCGLNEHNHHL
INDFTVKQMRQGAFLVNTARGGLVDEKALAQALKEGRIRGAALDVHESEPFSFSQGPLKDAPNLICTPHAAWYSEQASIE
MREEAAREIRRAITGRIPDSLKNCVNKDHLTAATHWASMDPAVVHPELNGAAY
;
_entity_poly.pdbx_strand_id   A
#
# COMPACT_ATOMS: atom_id res chain seq x y z
N SER A 19 -10.84 25.42 30.38
CA SER A 19 -11.96 25.29 29.45
C SER A 19 -11.46 25.18 28.00
N HIS A 20 -10.14 25.24 27.81
CA HIS A 20 -9.53 25.20 26.49
C HIS A 20 -8.97 23.81 26.24
N MET A 21 -9.42 23.17 25.15
CA MET A 21 -9.00 21.82 24.81
C MET A 21 -7.88 21.84 23.77
N PRO A 22 -7.10 20.77 23.66
CA PRO A 22 -6.11 20.70 22.59
C PRO A 22 -6.76 20.61 21.22
N LEU A 23 -6.00 21.01 20.21
CA LEU A 23 -6.47 21.01 18.83
C LEU A 23 -5.92 19.81 18.09
N VAL A 24 -6.80 19.11 17.37
CA VAL A 24 -6.43 17.96 16.54
C VAL A 24 -6.99 18.22 15.15
N ALA A 25 -6.15 18.02 14.13
CA ALA A 25 -6.50 18.38 12.76
C ALA A 25 -6.43 17.15 11.87
N LEU A 26 -7.47 16.97 11.06
CA LEU A 26 -7.47 15.98 9.98
C LEU A 26 -6.89 16.69 8.75
N LEU A 27 -5.64 16.38 8.43
CA LEU A 27 -4.91 17.12 7.41
C LEU A 27 -5.51 16.91 6.02
N ASP A 28 -5.42 15.70 5.48
CA ASP A 28 -5.82 15.43 4.10
C ASP A 28 -7.19 14.78 4.04
N GLY A 29 -8.17 15.38 4.71
CA GLY A 29 -9.53 14.89 4.67
C GLY A 29 -10.46 15.93 5.24
N ARG A 30 -11.77 15.64 5.17
CA ARG A 30 -12.77 16.55 5.70
C ARG A 30 -13.74 15.87 6.63
N ASP A 31 -14.05 14.60 6.38
CA ASP A 31 -15.03 13.89 7.19
C ASP A 31 -14.40 13.49 8.51
N CYS A 32 -14.99 13.96 9.62
CA CYS A 32 -14.55 13.61 10.96
C CYS A 32 -15.66 12.94 11.76
N THR A 33 -16.70 12.45 11.09
CA THR A 33 -17.87 11.94 11.81
C THR A 33 -17.52 10.76 12.70
N VAL A 34 -16.70 9.84 12.20
CA VAL A 34 -16.39 8.63 12.97
C VAL A 34 -15.57 8.97 14.21
N GLU A 35 -14.69 9.96 14.12
CA GLU A 35 -13.78 10.27 15.21
C GLU A 35 -14.41 11.13 16.29
N MET A 36 -15.48 11.86 15.99
CA MET A 36 -16.02 12.82 16.94
C MET A 36 -16.49 12.17 18.24
N PRO A 37 -17.28 11.09 18.23
CA PRO A 37 -17.74 10.52 19.50
C PRO A 37 -16.60 10.10 20.42
N ILE A 38 -15.44 9.76 19.86
CA ILE A 38 -14.32 9.30 20.67
C ILE A 38 -13.49 10.45 21.23
N LEU A 39 -13.46 11.59 20.55
CA LEU A 39 -12.62 12.72 20.93
C LEU A 39 -13.41 13.92 21.42
N LYS A 40 -14.73 13.80 21.57
CA LYS A 40 -15.56 14.98 21.83
C LYS A 40 -15.08 15.73 23.07
N ASP A 41 -14.94 15.04 24.19
CA ASP A 41 -14.57 15.66 25.45
C ASP A 41 -13.06 15.73 25.66
N VAL A 42 -12.27 15.50 24.61
CA VAL A 42 -10.82 15.41 24.73
C VAL A 42 -10.10 16.45 23.90
N ALA A 43 -10.58 16.71 22.68
CA ALA A 43 -9.87 17.60 21.77
C ALA A 43 -10.86 18.31 20.86
N THR A 44 -10.50 19.52 20.47
CA THR A 44 -11.21 20.22 19.41
C THR A 44 -10.76 19.67 18.07
N VAL A 45 -11.73 19.26 17.24
CA VAL A 45 -11.45 18.60 15.97
C VAL A 45 -11.74 19.57 14.84
N ALA A 46 -10.75 19.79 13.99
CA ALA A 46 -10.90 20.55 12.75
C ALA A 46 -10.35 19.72 11.60
N PHE A 47 -10.68 20.14 10.38
CA PHE A 47 -10.19 19.48 9.18
C PHE A 47 -9.62 20.52 8.22
N CYS A 48 -8.65 20.09 7.42
CA CYS A 48 -7.98 20.96 6.46
C CYS A 48 -8.30 20.62 5.01
N ASP A 49 -8.66 19.37 4.72
CA ASP A 49 -8.93 18.94 3.35
C ASP A 49 -7.79 19.37 2.42
N ALA A 50 -6.56 19.17 2.89
CA ALA A 50 -5.38 19.67 2.22
C ALA A 50 -4.67 18.55 1.47
N GLN A 51 -4.06 18.92 0.33
CA GLN A 51 -3.19 18.01 -0.41
C GLN A 51 -1.72 18.26 -0.14
N SER A 52 -1.38 19.42 0.41
CA SER A 52 0.01 19.75 0.70
C SER A 52 0.05 20.63 1.95
N THR A 53 1.25 20.78 2.50
CA THR A 53 1.44 21.64 3.67
C THR A 53 1.00 23.07 3.38
N GLN A 54 1.11 23.51 2.12
CA GLN A 54 0.79 24.88 1.75
C GLN A 54 -0.69 25.22 1.94
N GLU A 55 -1.56 24.22 2.10
CA GLU A 55 -2.99 24.45 2.21
C GLU A 55 -3.51 24.35 3.63
N ILE A 56 -2.62 24.29 4.63
CA ILE A 56 -3.02 24.15 6.02
C ILE A 56 -3.11 25.54 6.65
N HIS A 57 -4.24 25.81 7.32
CA HIS A 57 -4.46 27.11 7.92
C HIS A 57 -3.43 27.39 9.01
N GLU A 58 -3.00 28.65 9.10
CA GLU A 58 -1.93 29.02 10.02
C GLU A 58 -2.27 28.61 11.45
N LYS A 59 -3.54 28.76 11.85
CA LYS A 59 -3.97 28.35 13.17
C LYS A 59 -3.60 26.91 13.46
N VAL A 60 -3.75 26.03 12.46
CA VAL A 60 -3.43 24.62 12.66
C VAL A 60 -1.94 24.43 12.89
N LEU A 61 -1.11 25.03 12.03
CA LEU A 61 0.33 24.87 12.16
C LEU A 61 0.80 25.34 13.54
N ASN A 62 0.19 26.40 14.07
CA ASN A 62 0.65 26.97 15.33
C ASN A 62 0.15 26.16 16.53
N GLU A 63 -1.14 25.81 16.53
CA GLU A 63 -1.78 25.29 17.73
C GLU A 63 -2.02 23.78 17.70
N ALA A 64 -1.98 23.15 16.53
CA ALA A 64 -2.31 21.73 16.44
C ALA A 64 -1.38 20.90 17.31
N VAL A 65 -1.96 20.18 18.27
CA VAL A 65 -1.20 19.27 19.13
C VAL A 65 -1.16 17.87 18.53
N GLY A 66 -2.27 17.43 17.93
CA GLY A 66 -2.32 16.14 17.28
C GLY A 66 -2.73 16.28 15.83
N ALA A 67 -2.46 15.26 15.03
CA ALA A 67 -2.81 15.29 13.61
C ALA A 67 -3.25 13.90 13.17
N LEU A 68 -4.27 13.88 12.32
CA LEU A 68 -4.72 12.67 11.64
C LEU A 68 -4.53 12.88 10.15
N MET A 69 -4.02 11.85 9.47
CA MET A 69 -3.76 11.98 8.05
C MET A 69 -3.79 10.60 7.40
N TYR A 70 -4.17 10.59 6.12
CA TYR A 70 -4.15 9.38 5.33
C TYR A 70 -2.87 9.35 4.49
N HIS A 71 -2.97 8.98 3.22
CA HIS A 71 -1.77 8.81 2.40
C HIS A 71 -1.63 9.85 1.30
N THR A 72 -2.54 10.81 1.20
CA THR A 72 -2.55 11.74 0.07
C THR A 72 -1.75 13.01 0.32
N ILE A 73 -1.08 13.13 1.47
CA ILE A 73 -0.24 14.27 1.78
C ILE A 73 1.08 13.76 2.33
N THR A 74 2.16 14.43 1.96
CA THR A 74 3.50 14.08 2.42
C THR A 74 4.00 15.13 3.39
N LEU A 75 4.74 14.67 4.41
CA LEU A 75 5.32 15.56 5.42
C LEU A 75 6.83 15.34 5.44
N THR A 76 7.57 16.29 4.90
CA THR A 76 9.03 16.29 5.00
C THR A 76 9.44 16.95 6.31
N ARG A 77 10.75 17.00 6.56
CA ARG A 77 11.24 17.79 7.68
C ARG A 77 10.83 19.25 7.53
N GLU A 78 10.91 19.77 6.31
CA GLU A 78 10.48 21.14 6.06
C GLU A 78 9.02 21.34 6.45
N ASP A 79 8.15 20.42 6.04
CA ASP A 79 6.75 20.48 6.45
C ASP A 79 6.61 20.33 7.95
N LEU A 80 7.34 19.38 8.54
CA LEU A 80 7.21 19.11 9.97
C LEU A 80 7.64 20.32 10.80
N GLU A 81 8.68 21.02 10.35
CA GLU A 81 9.19 22.16 11.12
C GLU A 81 8.19 23.29 11.20
N LYS A 82 7.19 23.33 10.32
CA LYS A 82 6.19 24.40 10.35
C LYS A 82 5.24 24.26 11.53
N PHE A 83 5.12 23.06 12.11
CA PHE A 83 4.28 22.85 13.28
C PHE A 83 5.04 23.27 14.54
N LYS A 84 4.38 24.06 15.39
CA LYS A 84 5.02 24.59 16.59
C LYS A 84 4.54 23.94 17.89
N ALA A 85 3.42 23.22 17.85
CA ALA A 85 2.91 22.53 19.03
C ALA A 85 2.60 21.06 18.79
N LEU A 86 2.74 20.58 17.54
CA LEU A 86 2.38 19.21 17.22
C LEU A 86 3.18 18.23 18.07
N ARG A 87 2.49 17.23 18.63
CA ARG A 87 3.12 16.23 19.49
C ARG A 87 2.86 14.79 19.06
N ILE A 88 1.91 14.54 18.18
CA ILE A 88 1.67 13.19 17.68
C ILE A 88 1.01 13.27 16.31
N ILE A 89 1.42 12.37 15.42
CA ILE A 89 0.76 12.15 14.15
C ILE A 89 0.30 10.70 14.12
N VAL A 90 -0.92 10.48 13.64
CA VAL A 90 -1.50 9.15 13.54
C VAL A 90 -1.92 8.94 12.09
N ARG A 91 -1.27 8.00 11.41
CA ARG A 91 -1.68 7.59 10.07
C ARG A 91 -2.89 6.68 10.19
N ILE A 92 -3.99 7.07 9.54
CA ILE A 92 -5.16 6.20 9.46
C ILE A 92 -4.87 5.15 8.40
N GLY A 93 -4.09 4.16 8.76
CA GLY A 93 -3.62 3.15 7.83
C GLY A 93 -2.28 2.60 8.30
N SER A 94 -1.78 1.61 7.55
CA SER A 94 -0.56 0.91 7.94
C SER A 94 0.69 1.62 7.44
N GLY A 95 0.70 2.03 6.18
CA GLY A 95 1.92 2.60 5.61
C GLY A 95 2.16 4.01 6.12
N PHE A 96 3.43 4.29 6.44
CA PHE A 96 3.85 5.60 6.91
C PHE A 96 5.06 6.10 6.15
N ASP A 97 5.23 5.62 4.91
CA ASP A 97 6.32 6.10 4.06
C ASP A 97 6.15 7.57 3.69
N ASN A 98 4.94 8.11 3.77
CA ASN A 98 4.68 9.50 3.39
C ASN A 98 5.05 10.48 4.49
N ILE A 99 5.69 10.03 5.56
CA ILE A 99 6.07 10.88 6.68
C ILE A 99 7.56 10.68 6.93
N ASP A 100 8.29 11.80 7.07
CA ASP A 100 9.68 11.73 7.49
C ASP A 100 9.73 11.29 8.95
N ILE A 101 9.87 9.98 9.17
CA ILE A 101 9.72 9.44 10.52
C ILE A 101 10.88 9.85 11.41
N LYS A 102 12.10 9.84 10.87
CA LYS A 102 13.27 10.17 11.68
C LYS A 102 13.24 11.63 12.11
N SER A 103 12.98 12.53 11.16
CA SER A 103 12.91 13.95 11.50
C SER A 103 11.77 14.24 12.46
N ALA A 104 10.66 13.51 12.34
CA ALA A 104 9.57 13.68 13.29
C ALA A 104 10.02 13.34 14.71
N GLY A 105 10.80 12.26 14.85
CA GLY A 105 11.32 11.93 16.16
C GLY A 105 12.31 12.95 16.68
N ASP A 106 13.18 13.45 15.80
CA ASP A 106 14.11 14.50 16.21
C ASP A 106 13.37 15.71 16.76
N LEU A 107 12.28 16.10 16.11
CA LEU A 107 11.47 17.25 16.52
C LEU A 107 10.54 16.93 17.68
N GLY A 108 10.62 15.72 18.25
CA GLY A 108 9.78 15.39 19.39
C GLY A 108 8.36 15.03 19.04
N ILE A 109 8.12 14.50 17.84
CA ILE A 109 6.78 14.18 17.37
C ILE A 109 6.66 12.67 17.25
N ALA A 110 5.74 12.09 18.00
CA ALA A 110 5.45 10.67 17.87
C ALA A 110 4.63 10.42 16.61
N VAL A 111 4.92 9.31 15.93
CA VAL A 111 4.22 8.90 14.72
C VAL A 111 3.67 7.50 14.96
N CYS A 112 2.38 7.31 14.68
CA CYS A 112 1.72 6.03 14.87
C CYS A 112 0.97 5.66 13.60
N ASN A 113 0.61 4.37 13.50
CA ASN A 113 -0.13 3.87 12.36
C ASN A 113 -1.22 2.93 12.85
N VAL A 114 -2.03 2.44 11.90
CA VAL A 114 -3.07 1.45 12.18
C VAL A 114 -2.75 0.21 11.35
N PRO A 115 -2.07 -0.79 11.90
CA PRO A 115 -1.48 -1.85 11.07
C PRO A 115 -2.34 -3.05 10.75
N ALA A 116 -3.46 -3.27 11.44
CA ALA A 116 -4.17 -4.55 11.37
C ALA A 116 -5.50 -4.50 10.63
N VAL A 117 -6.08 -3.31 10.40
CA VAL A 117 -7.48 -3.24 10.01
C VAL A 117 -7.70 -3.88 8.64
N SER A 118 -6.97 -3.41 7.62
CA SER A 118 -7.25 -3.78 6.23
C SER A 118 -6.33 -4.87 5.71
N VAL A 119 -5.82 -5.74 6.59
CA VAL A 119 -4.89 -6.78 6.16
C VAL A 119 -5.57 -7.73 5.18
N GLU A 120 -6.72 -8.29 5.57
CA GLU A 120 -7.37 -9.28 4.73
C GLU A 120 -8.10 -8.66 3.54
N GLU A 121 -8.58 -7.41 3.68
CA GLU A 121 -9.09 -6.71 2.51
C GLU A 121 -8.03 -6.59 1.43
N THR A 122 -6.79 -6.27 1.83
CA THR A 122 -5.72 -6.08 0.85
C THR A 122 -5.28 -7.42 0.26
N ALA A 123 -5.25 -8.47 1.08
CA ALA A 123 -4.90 -9.79 0.56
C ALA A 123 -5.95 -10.27 -0.44
N ASP A 124 -7.22 -9.99 -0.19
CA ASP A 124 -8.28 -10.37 -1.12
C ASP A 124 -8.21 -9.55 -2.40
N SER A 125 -7.90 -8.26 -2.29
CA SER A 125 -7.68 -7.44 -3.48
C SER A 125 -6.51 -7.98 -4.29
N THR A 126 -5.43 -8.39 -3.63
CA THR A 126 -4.28 -8.92 -4.33
C THR A 126 -4.63 -10.20 -5.06
N LEU A 127 -5.34 -11.12 -4.40
CA LEU A 127 -5.76 -12.34 -5.06
C LEU A 127 -6.70 -12.04 -6.22
N CYS A 128 -7.52 -11.01 -6.10
CA CYS A 128 -8.38 -10.62 -7.21
C CYS A 128 -7.57 -10.21 -8.41
N HIS A 129 -6.55 -9.36 -8.20
CA HIS A 129 -5.69 -8.96 -9.30
C HIS A 129 -4.93 -10.15 -9.87
N ILE A 130 -4.36 -11.00 -9.01
CA ILE A 130 -3.66 -12.18 -9.47
C ILE A 130 -4.55 -13.01 -10.38
N LEU A 131 -5.77 -13.31 -9.92
CA LEU A 131 -6.68 -14.11 -10.73
C LEU A 131 -7.13 -13.36 -11.98
N ASN A 132 -7.26 -12.03 -11.89
CA ASN A 132 -7.65 -11.25 -13.06
C ASN A 132 -6.61 -11.32 -14.15
N LEU A 133 -5.34 -11.54 -13.80
CA LEU A 133 -4.30 -11.71 -14.81
C LEU A 133 -4.32 -13.14 -15.36
N TYR A 134 -4.29 -14.14 -14.48
CA TYR A 134 -4.30 -15.53 -14.93
C TYR A 134 -5.57 -15.87 -15.69
N ARG A 135 -6.70 -15.27 -15.31
CA ARG A 135 -7.99 -15.59 -15.89
C ARG A 135 -8.53 -14.53 -16.83
N ARG A 136 -7.95 -13.34 -16.83
CA ARG A 136 -8.31 -12.28 -17.79
C ARG A 136 -9.79 -11.93 -17.72
N ALA A 137 -10.40 -12.08 -16.55
CA ALA A 137 -11.82 -11.75 -16.40
C ALA A 137 -12.07 -10.29 -16.72
N THR A 138 -11.28 -9.38 -16.16
CA THR A 138 -11.47 -7.96 -16.40
C THR A 138 -11.28 -7.63 -17.87
N TRP A 139 -10.28 -8.22 -18.51
CA TRP A 139 -10.06 -7.96 -19.93
C TRP A 139 -11.12 -8.61 -20.80
N LEU A 140 -11.63 -9.77 -20.38
CA LEU A 140 -12.72 -10.39 -21.13
C LEU A 140 -13.99 -9.56 -21.02
N HIS A 141 -14.24 -8.95 -19.86
CA HIS A 141 -15.39 -8.07 -19.71
C HIS A 141 -15.25 -6.85 -20.62
N GLN A 142 -14.06 -6.24 -20.65
CA GLN A 142 -13.84 -5.10 -21.55
C GLN A 142 -14.16 -5.47 -22.98
N ALA A 143 -13.62 -6.58 -23.46
CA ALA A 143 -13.85 -6.99 -24.85
C ALA A 143 -15.34 -7.10 -25.15
N LEU A 144 -16.14 -7.53 -24.18
CA LEU A 144 -17.58 -7.60 -24.39
C LEU A 144 -18.21 -6.21 -24.39
N ARG A 145 -17.74 -5.33 -23.50
CA ARG A 145 -18.19 -3.95 -23.53
C ARG A 145 -17.81 -3.26 -24.83
N GLU A 146 -16.66 -3.64 -25.40
CA GLU A 146 -16.20 -3.06 -26.66
C GLU A 146 -16.90 -3.63 -27.88
N GLY A 147 -17.77 -4.62 -27.69
CA GLY A 147 -18.56 -5.17 -28.79
C GLY A 147 -17.99 -6.41 -29.44
N THR A 148 -16.86 -6.92 -28.95
CA THR A 148 -16.31 -8.15 -29.49
C THR A 148 -17.35 -9.26 -29.43
N ARG A 149 -17.49 -10.00 -30.53
CA ARG A 149 -18.43 -11.11 -30.61
C ARG A 149 -17.65 -12.43 -30.54
N VAL A 150 -18.03 -13.27 -29.58
CA VAL A 150 -17.30 -14.51 -29.31
C VAL A 150 -18.25 -15.69 -29.47
N GLN A 151 -18.44 -16.15 -30.69
CA GLN A 151 -19.42 -17.17 -31.01
C GLN A 151 -18.83 -18.58 -31.05
N SER A 152 -17.66 -18.75 -31.65
CA SER A 152 -17.05 -20.07 -31.79
C SER A 152 -16.01 -20.29 -30.70
N VAL A 153 -15.66 -21.56 -30.51
CA VAL A 153 -14.60 -21.92 -29.56
C VAL A 153 -13.28 -21.32 -30.00
N GLU A 154 -13.00 -21.34 -31.31
CA GLU A 154 -11.77 -20.71 -31.80
C GLU A 154 -11.71 -19.25 -31.40
N GLN A 155 -12.86 -18.58 -31.39
CA GLN A 155 -12.90 -17.18 -30.98
C GLN A 155 -12.75 -17.02 -29.47
N ILE A 156 -13.27 -17.98 -28.70
CA ILE A 156 -13.06 -17.96 -27.25
C ILE A 156 -11.58 -18.08 -26.94
N ARG A 157 -10.91 -19.06 -27.54
CA ARG A 157 -9.47 -19.20 -27.37
C ARG A 157 -8.74 -17.92 -27.73
N GLU A 158 -9.17 -17.26 -28.82
CA GLU A 158 -8.49 -16.05 -29.28
C GLU A 158 -8.66 -14.91 -28.27
N VAL A 159 -9.91 -14.61 -27.91
CA VAL A 159 -10.16 -13.47 -27.03
C VAL A 159 -9.57 -13.71 -25.64
N ALA A 160 -9.51 -14.97 -25.21
CA ALA A 160 -8.96 -15.32 -23.91
C ALA A 160 -7.49 -15.72 -23.98
N SER A 161 -6.82 -15.44 -25.10
CA SER A 161 -5.42 -15.80 -25.25
C SER A 161 -4.60 -15.18 -24.11
N GLY A 162 -3.69 -15.98 -23.55
CA GLY A 162 -2.90 -15.59 -22.41
C GLY A 162 -3.36 -16.21 -21.10
N ALA A 163 -4.66 -16.52 -20.98
CA ALA A 163 -5.15 -17.17 -19.77
C ALA A 163 -4.42 -18.49 -19.56
N ALA A 164 -3.93 -18.71 -18.33
CA ALA A 164 -3.05 -19.82 -18.04
C ALA A 164 -3.54 -20.61 -16.83
N ARG A 165 -3.16 -21.88 -16.78
CA ARG A 165 -3.45 -22.72 -15.64
C ARG A 165 -2.61 -22.28 -14.45
N ILE A 166 -3.24 -22.25 -13.27
CA ILE A 166 -2.57 -21.73 -12.08
C ILE A 166 -1.74 -22.81 -11.37
N ARG A 167 -2.27 -24.03 -11.24
CA ARG A 167 -1.56 -25.06 -10.51
C ARG A 167 -0.18 -25.31 -11.14
N GLY A 168 0.84 -25.43 -10.29
CA GLY A 168 2.20 -25.56 -10.74
C GLY A 168 2.94 -24.25 -10.89
N GLU A 169 2.22 -23.16 -11.10
CA GLU A 169 2.85 -21.84 -11.21
C GLU A 169 3.45 -21.44 -9.88
N THR A 170 4.49 -20.60 -9.95
CA THR A 170 5.22 -20.15 -8.77
C THR A 170 4.88 -18.69 -8.51
N LEU A 171 4.34 -18.42 -7.33
CA LEU A 171 4.03 -17.06 -6.89
C LEU A 171 5.15 -16.59 -5.97
N GLY A 172 5.80 -15.48 -6.35
CA GLY A 172 6.89 -14.92 -5.58
C GLY A 172 6.44 -13.70 -4.79
N ILE A 173 6.53 -13.80 -3.47
CA ILE A 173 6.10 -12.75 -2.56
C ILE A 173 7.32 -11.99 -2.09
N ILE A 174 7.30 -10.67 -2.27
CA ILE A 174 8.34 -9.79 -1.76
C ILE A 174 7.78 -9.09 -0.54
N GLY A 175 8.22 -9.51 0.65
CA GLY A 175 7.70 -8.98 1.89
C GLY A 175 6.65 -9.89 2.48
N LEU A 176 7.04 -10.70 3.46
CA LEU A 176 6.12 -11.66 4.05
C LEU A 176 5.66 -11.18 5.42
N GLY A 177 5.03 -10.00 5.47
CA GLY A 177 4.47 -9.50 6.71
C GLY A 177 3.02 -9.89 6.87
N ARG A 178 2.20 -8.97 7.37
CA ARG A 178 0.78 -9.27 7.60
C ARG A 178 0.10 -9.65 6.29
N VAL A 179 0.16 -8.78 5.29
CA VAL A 179 -0.53 -9.04 4.03
C VAL A 179 0.15 -10.18 3.28
N GLY A 180 1.48 -10.20 3.27
CA GLY A 180 2.18 -11.26 2.55
C GLY A 180 1.78 -12.65 3.04
N GLN A 181 1.70 -12.84 4.35
CA GLN A 181 1.31 -14.14 4.88
C GLN A 181 -0.13 -14.46 4.51
N ALA A 182 -1.01 -13.47 4.55
CA ALA A 182 -2.40 -13.68 4.16
C ALA A 182 -2.50 -14.09 2.69
N VAL A 183 -1.70 -13.46 1.83
CA VAL A 183 -1.68 -13.83 0.42
C VAL A 183 -1.16 -15.24 0.26
N ALA A 184 -0.05 -15.55 0.94
CA ALA A 184 0.56 -16.88 0.81
C ALA A 184 -0.44 -17.97 1.11
N LEU A 185 -1.20 -17.83 2.20
CA LEU A 185 -2.14 -18.88 2.58
C LEU A 185 -3.28 -19.01 1.58
N ARG A 186 -3.72 -17.88 1.00
CA ARG A 186 -4.74 -17.94 -0.03
C ARG A 186 -4.19 -18.53 -1.32
N ALA A 187 -2.97 -18.13 -1.70
CA ALA A 187 -2.38 -18.64 -2.92
C ALA A 187 -2.23 -20.16 -2.89
N LYS A 188 -1.96 -20.72 -1.71
CA LYS A 188 -1.78 -22.17 -1.61
C LYS A 188 -3.07 -22.91 -1.97
N ALA A 189 -4.22 -22.29 -1.71
CA ALA A 189 -5.49 -22.94 -2.00
C ALA A 189 -5.73 -23.13 -3.49
N PHE A 190 -5.07 -22.35 -4.35
CA PHE A 190 -5.25 -22.44 -5.78
C PHE A 190 -4.21 -23.34 -6.46
N GLY A 191 -3.26 -23.88 -5.70
CA GLY A 191 -2.22 -24.71 -6.26
C GLY A 191 -0.92 -24.00 -6.55
N PHE A 192 -0.81 -22.72 -6.19
CA PHE A 192 0.44 -22.01 -6.38
C PHE A 192 1.55 -22.65 -5.56
N ASN A 193 2.76 -22.64 -6.12
CA ASN A 193 3.97 -22.87 -5.35
C ASN A 193 4.48 -21.51 -4.89
N VAL A 194 4.55 -21.32 -3.58
CA VAL A 194 4.78 -19.99 -3.00
C VAL A 194 6.23 -19.89 -2.54
N LEU A 195 6.97 -18.95 -3.12
CA LEU A 195 8.26 -18.51 -2.61
C LEU A 195 8.10 -17.10 -2.06
N PHE A 196 9.02 -16.73 -1.17
CA PHE A 196 9.01 -15.37 -0.65
C PHE A 196 10.44 -14.91 -0.39
N TYR A 197 10.65 -13.60 -0.52
CA TYR A 197 11.90 -12.95 -0.20
C TYR A 197 11.63 -11.87 0.83
N ASP A 198 12.32 -11.92 1.96
CA ASP A 198 12.17 -10.92 3.00
C ASP A 198 13.45 -10.91 3.84
N PRO A 199 14.40 -10.01 3.54
CA PRO A 199 15.72 -10.08 4.19
C PRO A 199 15.73 -9.63 5.64
N TYR A 200 14.58 -9.26 6.22
CA TYR A 200 14.55 -8.73 7.58
C TYR A 200 14.00 -9.72 8.60
N LEU A 201 13.44 -10.84 8.16
CA LEU A 201 12.93 -11.85 9.08
C LEU A 201 14.05 -12.81 9.48
N SER A 202 13.87 -13.43 10.65
CA SER A 202 14.79 -14.45 11.11
C SER A 202 14.41 -15.80 10.52
N ASP A 203 15.40 -16.68 10.40
CA ASP A 203 15.16 -17.98 9.78
C ASP A 203 14.23 -18.82 10.64
N GLY A 204 13.31 -19.52 9.99
CA GLY A 204 12.33 -20.35 10.66
C GLY A 204 10.89 -19.95 10.42
N VAL A 205 10.61 -18.77 9.87
CA VAL A 205 9.23 -18.40 9.59
C VAL A 205 8.70 -19.20 8.43
N GLU A 206 9.56 -19.55 7.47
CA GLU A 206 9.14 -20.39 6.36
C GLU A 206 8.63 -21.74 6.83
N ARG A 207 9.17 -22.26 7.93
CA ARG A 207 8.82 -23.60 8.38
C ARG A 207 7.42 -23.62 8.97
N ALA A 208 7.08 -22.62 9.78
CA ALA A 208 5.77 -22.58 10.42
C ALA A 208 4.65 -22.56 9.39
N LEU A 209 4.82 -21.76 8.34
CA LEU A 209 3.79 -21.62 7.31
C LEU A 209 4.02 -22.53 6.11
N GLY A 210 5.03 -23.39 6.15
CA GLY A 210 5.24 -24.35 5.08
C GLY A 210 5.55 -23.70 3.75
N LEU A 211 6.33 -22.63 3.76
CA LEU A 211 6.71 -21.91 2.54
C LEU A 211 8.18 -22.14 2.24
N GLN A 212 8.55 -21.87 0.99
CA GLN A 212 9.94 -21.89 0.58
C GLN A 212 10.48 -20.47 0.55
N ARG A 213 11.70 -20.30 1.04
CA ARG A 213 12.32 -18.98 1.19
C ARG A 213 13.58 -18.90 0.33
N VAL A 214 13.83 -17.69 -0.19
CA VAL A 214 15.02 -17.42 -0.97
C VAL A 214 15.75 -16.24 -0.36
N SER A 215 17.05 -16.15 -0.62
CA SER A 215 17.93 -15.23 0.07
C SER A 215 18.02 -13.85 -0.59
N THR A 216 17.84 -13.79 -1.90
CA THR A 216 18.06 -12.56 -2.65
C THR A 216 16.84 -12.24 -3.50
N LEU A 217 16.75 -10.97 -3.90
CA LEU A 217 15.69 -10.56 -4.81
C LEU A 217 15.84 -11.26 -6.16
N GLN A 218 17.08 -11.46 -6.61
CA GLN A 218 17.31 -12.09 -7.90
C GLN A 218 16.75 -13.51 -7.94
N ASP A 219 16.98 -14.29 -6.88
CA ASP A 219 16.42 -15.63 -6.82
C ASP A 219 14.91 -15.60 -6.90
N LEU A 220 14.28 -14.68 -6.16
CA LEU A 220 12.83 -14.57 -6.19
C LEU A 220 12.34 -14.32 -7.61
N LEU A 221 12.86 -13.28 -8.25
CA LEU A 221 12.41 -12.94 -9.60
C LEU A 221 12.73 -14.06 -10.59
N PHE A 222 13.84 -14.78 -10.38
CA PHE A 222 14.27 -15.78 -11.35
C PHE A 222 13.34 -16.99 -11.37
N HIS A 223 12.78 -17.37 -10.21
CA HIS A 223 11.97 -18.59 -10.10
C HIS A 223 10.47 -18.32 -10.14
N SER A 224 10.04 -17.06 -10.17
CA SER A 224 8.63 -16.71 -10.01
C SER A 224 7.97 -16.48 -11.36
N ASP A 225 6.79 -17.08 -11.54
CA ASP A 225 5.96 -16.79 -12.70
C ASP A 225 5.09 -15.56 -12.47
N CYS A 226 4.81 -15.24 -11.21
CA CYS A 226 4.00 -14.08 -10.85
C CYS A 226 4.60 -13.46 -9.59
N VAL A 227 5.01 -12.20 -9.70
CA VAL A 227 5.64 -11.47 -8.59
C VAL A 227 4.63 -10.51 -8.00
N THR A 228 4.48 -10.54 -6.68
CA THR A 228 3.55 -9.66 -5.99
C THR A 228 4.27 -8.98 -4.84
N LEU A 229 4.13 -7.65 -4.77
CA LEU A 229 4.86 -6.85 -3.80
C LEU A 229 4.01 -6.63 -2.54
N HIS A 230 4.63 -6.85 -1.36
CA HIS A 230 3.93 -6.70 -0.10
C HIS A 230 4.86 -6.15 0.99
N CYS A 231 5.82 -5.32 0.62
CA CYS A 231 6.77 -4.74 1.55
C CYS A 231 6.49 -3.25 1.71
N GLY A 232 6.84 -2.72 2.88
CA GLY A 232 6.80 -1.29 3.06
C GLY A 232 7.83 -0.58 2.21
N LEU A 233 7.53 0.66 1.86
CA LEU A 233 8.47 1.49 1.11
C LEU A 233 9.39 2.18 2.12
N ASN A 234 10.66 1.79 2.11
CA ASN A 234 11.67 2.36 3.00
C ASN A 234 12.81 2.93 2.16
N GLU A 235 13.85 3.41 2.85
CA GLU A 235 14.95 4.10 2.19
C GLU A 235 15.85 3.18 1.38
N HIS A 236 15.61 1.87 1.37
CA HIS A 236 16.49 0.93 0.71
C HIS A 236 15.81 0.14 -0.40
N ASN A 237 14.58 0.49 -0.78
CA ASN A 237 13.88 -0.28 -1.81
C ASN A 237 13.06 0.60 -2.75
N HIS A 238 13.33 1.90 -2.83
CA HIS A 238 12.71 2.71 -3.86
C HIS A 238 13.17 2.21 -5.23
N HIS A 239 12.22 2.03 -6.14
CA HIS A 239 12.51 1.45 -7.45
C HIS A 239 13.18 0.09 -7.30
N LEU A 240 12.69 -0.71 -6.34
CA LEU A 240 13.17 -2.09 -6.22
C LEU A 240 13.01 -2.84 -7.53
N ILE A 241 11.89 -2.63 -8.22
CA ILE A 241 11.70 -3.12 -9.57
C ILE A 241 12.14 -2.01 -10.53
N ASN A 242 13.31 -2.20 -11.14
CA ASN A 242 13.91 -1.18 -12.00
C ASN A 242 14.38 -1.84 -13.29
N ASP A 243 14.92 -1.01 -14.19
CA ASP A 243 15.41 -1.52 -15.47
C ASP A 243 16.36 -2.70 -15.30
N PHE A 244 17.09 -2.74 -14.19
CA PHE A 244 18.02 -3.84 -13.94
C PHE A 244 17.29 -5.08 -13.42
N THR A 245 16.53 -4.94 -12.34
CA THR A 245 15.86 -6.09 -11.74
C THR A 245 14.72 -6.62 -12.59
N VAL A 246 14.12 -5.78 -13.44
CA VAL A 246 13.10 -6.27 -14.37
C VAL A 246 13.68 -7.32 -15.30
N LYS A 247 14.94 -7.15 -15.70
CA LYS A 247 15.59 -8.12 -16.56
C LYS A 247 15.82 -9.46 -15.87
N GLN A 248 15.77 -9.48 -14.53
CA GLN A 248 15.94 -10.72 -13.78
C GLN A 248 14.64 -11.52 -13.66
N MET A 249 13.53 -11.02 -14.20
CA MET A 249 12.25 -11.71 -14.10
C MET A 249 12.07 -12.67 -15.27
N ARG A 250 11.21 -13.67 -15.06
CA ARG A 250 10.94 -14.66 -16.09
C ARG A 250 10.23 -14.02 -17.27
N GLN A 251 10.58 -14.49 -18.48
CA GLN A 251 9.92 -14.00 -19.69
C GLN A 251 8.45 -14.35 -19.65
N GLY A 252 7.59 -13.34 -19.77
CA GLY A 252 6.16 -13.55 -19.73
C GLY A 252 5.57 -13.68 -18.34
N ALA A 253 6.23 -13.11 -17.33
CA ALA A 253 5.76 -13.20 -15.96
C ALA A 253 4.76 -12.09 -15.65
N PHE A 254 4.06 -12.23 -14.53
CA PHE A 254 3.10 -11.25 -14.06
C PHE A 254 3.70 -10.42 -12.92
N LEU A 255 3.22 -9.19 -12.80
CA LEU A 255 3.61 -8.31 -11.70
C LEU A 255 2.35 -7.74 -11.06
N VAL A 256 2.30 -7.80 -9.73
CA VAL A 256 1.17 -7.27 -8.96
C VAL A 256 1.74 -6.38 -7.86
N ASN A 257 1.11 -5.23 -7.65
CA ASN A 257 1.58 -4.27 -6.65
C ASN A 257 0.38 -3.65 -5.96
N THR A 258 0.10 -4.11 -4.74
CA THR A 258 -0.84 -3.46 -3.84
C THR A 258 -0.13 -2.81 -2.66
N ALA A 259 1.19 -2.65 -2.74
CA ALA A 259 1.97 -2.14 -1.61
C ALA A 259 2.16 -0.62 -1.74
N ARG A 260 3.20 -0.21 -2.46
CA ARG A 260 3.49 1.21 -2.67
C ARG A 260 4.03 1.41 -4.09
N GLY A 261 3.58 2.48 -4.73
CA GLY A 261 3.99 2.74 -6.09
C GLY A 261 5.46 3.08 -6.23
N GLY A 262 6.06 3.67 -5.19
CA GLY A 262 7.46 4.02 -5.21
C GLY A 262 8.40 2.83 -5.35
N LEU A 263 7.88 1.61 -5.25
CA LEU A 263 8.70 0.41 -5.38
C LEU A 263 8.98 0.04 -6.82
N VAL A 264 8.26 0.61 -7.79
CA VAL A 264 8.35 0.21 -9.19
C VAL A 264 8.76 1.40 -10.02
N ASP A 265 9.72 1.21 -10.91
CA ASP A 265 10.08 2.21 -11.92
C ASP A 265 9.12 2.03 -13.09
N GLU A 266 8.09 2.89 -13.15
CA GLU A 266 7.08 2.74 -14.18
C GLU A 266 7.66 2.88 -15.57
N LYS A 267 8.76 3.63 -15.71
CA LYS A 267 9.47 3.67 -16.99
C LYS A 267 9.85 2.26 -17.44
N ALA A 268 10.62 1.55 -16.60
CA ALA A 268 11.03 0.20 -16.94
C ALA A 268 9.82 -0.71 -17.12
N LEU A 269 8.78 -0.52 -16.32
CA LEU A 269 7.60 -1.38 -16.41
C LEU A 269 6.88 -1.19 -17.74
N ALA A 270 6.72 0.06 -18.19
CA ALA A 270 6.03 0.32 -19.45
C ALA A 270 6.75 -0.38 -20.60
N GLN A 271 8.07 -0.22 -20.68
CA GLN A 271 8.82 -0.86 -21.75
C GLN A 271 8.70 -2.37 -21.70
N ALA A 272 8.70 -2.94 -20.50
CA ALA A 272 8.59 -4.40 -20.38
C ALA A 272 7.26 -4.90 -20.90
N LEU A 273 6.16 -4.22 -20.56
CA LEU A 273 4.85 -4.61 -21.08
C LEU A 273 4.80 -4.47 -22.59
N LYS A 274 5.37 -3.39 -23.12
CA LYS A 274 5.33 -3.15 -24.56
C LYS A 274 6.14 -4.19 -25.31
N GLU A 275 7.29 -4.58 -24.77
CA GLU A 275 8.14 -5.58 -25.41
C GLU A 275 7.71 -7.01 -25.10
N GLY A 276 6.71 -7.20 -24.24
CA GLY A 276 6.23 -8.53 -23.92
C GLY A 276 7.07 -9.29 -22.91
N ARG A 277 8.14 -8.70 -22.39
CA ARG A 277 8.92 -9.35 -21.34
C ARG A 277 8.05 -9.64 -20.12
N ILE A 278 7.10 -8.75 -19.84
CA ILE A 278 6.10 -8.95 -18.80
C ILE A 278 4.75 -9.03 -19.49
N ARG A 279 4.03 -10.14 -19.24
CA ARG A 279 2.78 -10.39 -19.97
C ARG A 279 1.66 -9.48 -19.47
N GLY A 280 1.68 -9.09 -18.20
CA GLY A 280 0.62 -8.26 -17.66
C GLY A 280 0.95 -7.80 -16.26
N ALA A 281 0.32 -6.68 -15.88
CA ALA A 281 0.58 -6.06 -14.59
C ALA A 281 -0.72 -5.52 -14.02
N ALA A 282 -0.89 -5.67 -12.71
CA ALA A 282 -2.04 -5.15 -11.98
C ALA A 282 -1.52 -4.27 -10.86
N LEU A 283 -1.95 -3.00 -10.85
CA LEU A 283 -1.39 -2.00 -9.96
C LEU A 283 -2.52 -1.29 -9.21
N ASP A 284 -2.48 -1.37 -7.89
CA ASP A 284 -3.36 -0.57 -7.06
C ASP A 284 -2.72 0.74 -6.62
N VAL A 285 -1.40 0.86 -6.76
CA VAL A 285 -0.64 2.02 -6.33
C VAL A 285 0.30 2.44 -7.45
N HIS A 286 0.70 3.70 -7.44
CA HIS A 286 1.50 4.26 -8.52
C HIS A 286 2.45 5.30 -7.97
N GLU A 287 3.53 5.54 -8.72
CA GLU A 287 4.54 6.51 -8.30
C GLU A 287 3.91 7.88 -8.06
N SER A 288 2.98 8.27 -8.91
CA SER A 288 2.25 9.53 -8.76
C SER A 288 0.77 9.21 -8.70
N GLU A 289 0.15 9.48 -7.56
CA GLU A 289 -1.27 9.27 -7.39
C GLU A 289 -1.98 10.61 -7.21
N PRO A 290 -3.21 10.77 -7.71
CA PRO A 290 -4.05 9.76 -8.38
C PRO A 290 -3.53 9.34 -9.75
N PHE A 291 -3.98 8.18 -10.21
CA PHE A 291 -3.53 7.61 -11.46
C PHE A 291 -4.50 7.97 -12.59
N SER A 292 -3.96 8.10 -13.80
CA SER A 292 -4.76 8.35 -14.98
C SER A 292 -4.13 7.64 -16.16
N PHE A 293 -4.96 6.91 -16.92
CA PHE A 293 -4.47 6.22 -18.11
C PHE A 293 -4.07 7.18 -19.23
N SER A 294 -4.30 8.49 -19.07
CA SER A 294 -3.96 9.47 -20.08
C SER A 294 -2.67 10.22 -19.79
N GLN A 295 -2.05 9.99 -18.63
CA GLN A 295 -0.78 10.61 -18.29
C GLN A 295 0.10 9.62 -17.55
N GLY A 296 1.40 9.86 -17.60
CA GLY A 296 2.37 9.05 -16.89
C GLY A 296 3.10 8.09 -17.80
N PRO A 297 4.15 7.45 -17.29
CA PRO A 297 4.91 6.49 -18.12
C PRO A 297 4.08 5.31 -18.60
N LEU A 298 2.90 5.07 -18.03
CA LEU A 298 2.06 3.95 -18.39
C LEU A 298 0.95 4.33 -19.35
N LYS A 299 1.01 5.54 -19.92
CA LYS A 299 -0.04 6.01 -20.83
C LYS A 299 -0.49 4.93 -21.80
N ASP A 300 0.46 4.35 -22.54
CA ASP A 300 0.16 3.43 -23.63
C ASP A 300 0.60 2.01 -23.34
N ALA A 301 0.88 1.69 -22.08
CA ALA A 301 1.33 0.35 -21.74
C ALA A 301 0.18 -0.64 -21.96
N PRO A 302 0.41 -1.78 -22.61
CA PRO A 302 -0.64 -2.77 -22.79
C PRO A 302 -0.72 -3.72 -21.61
N ASN A 303 -1.76 -4.55 -21.62
CA ASN A 303 -1.96 -5.59 -20.62
C ASN A 303 -1.79 -5.03 -19.21
N LEU A 304 -2.44 -3.89 -18.97
CA LEU A 304 -2.28 -3.16 -17.72
C LEU A 304 -3.65 -3.04 -17.05
N ILE A 305 -3.74 -3.51 -15.79
CA ILE A 305 -4.91 -3.31 -14.95
C ILE A 305 -4.53 -2.37 -13.83
N CYS A 306 -5.46 -1.50 -13.45
CA CYS A 306 -5.18 -0.51 -12.42
C CYS A 306 -6.43 -0.26 -11.59
N THR A 307 -6.22 0.05 -10.32
CA THR A 307 -7.28 0.42 -9.39
C THR A 307 -6.77 1.61 -8.57
N PRO A 308 -7.67 2.51 -8.15
CA PRO A 308 -7.25 3.78 -7.54
C PRO A 308 -6.96 3.67 -6.04
N HIS A 309 -5.94 2.88 -5.71
CA HIS A 309 -5.50 2.74 -4.32
C HIS A 309 -6.66 2.35 -3.41
N ALA A 310 -7.36 1.27 -3.79
CA ALA A 310 -8.58 0.84 -3.10
C ALA A 310 -8.47 -0.55 -2.50
N ALA A 311 -7.27 -1.14 -2.46
CA ALA A 311 -7.15 -2.51 -1.93
C ALA A 311 -7.57 -2.58 -0.48
N TRP A 312 -7.44 -1.48 0.28
CA TRP A 312 -7.73 -1.47 1.70
C TRP A 312 -9.22 -1.40 2.00
N TYR A 313 -10.04 -0.90 1.09
CA TYR A 313 -11.34 -0.37 1.45
C TYR A 313 -12.37 -1.47 1.69
N SER A 314 -13.01 -1.39 2.85
CA SER A 314 -14.32 -1.97 3.08
C SER A 314 -15.05 -1.02 4.02
N GLU A 315 -16.38 -1.11 4.03
CA GLU A 315 -17.15 -0.25 4.92
C GLU A 315 -16.76 -0.47 6.37
N GLN A 316 -16.54 -1.73 6.77
CA GLN A 316 -16.12 -2.02 8.13
C GLN A 316 -14.70 -1.55 8.39
N ALA A 317 -13.80 -1.81 7.44
CA ALA A 317 -12.40 -1.44 7.62
C ALA A 317 -12.26 0.07 7.76
N SER A 318 -12.90 0.82 6.87
CA SER A 318 -12.82 2.28 6.91
C SER A 318 -13.22 2.81 8.28
N ILE A 319 -14.25 2.23 8.88
CA ILE A 319 -14.69 2.66 10.21
C ILE A 319 -13.68 2.20 11.27
N GLU A 320 -13.26 0.93 11.20
CA GLU A 320 -12.44 0.36 12.26
C GLU A 320 -11.13 1.11 12.42
N MET A 321 -10.49 1.50 11.31
CA MET A 321 -9.20 2.18 11.40
C MET A 321 -9.36 3.62 11.88
N ARG A 322 -10.43 4.29 11.50
CA ARG A 322 -10.67 5.65 11.99
C ARG A 322 -10.95 5.63 13.49
N GLU A 323 -11.66 4.62 13.98
CA GLU A 323 -11.89 4.51 15.42
C GLU A 323 -10.59 4.21 16.16
N GLU A 324 -9.79 3.30 15.62
CA GLU A 324 -8.49 3.00 16.24
C GLU A 324 -7.60 4.23 16.25
N ALA A 325 -7.52 4.95 15.13
CA ALA A 325 -6.71 6.16 15.07
C ALA A 325 -7.19 7.19 16.07
N ALA A 326 -8.51 7.34 16.21
CA ALA A 326 -9.05 8.27 17.20
C ALA A 326 -8.64 7.87 18.62
N ARG A 327 -8.69 6.58 18.93
CA ARG A 327 -8.29 6.14 20.26
C ARG A 327 -6.80 6.42 20.52
N GLU A 328 -5.96 6.23 19.50
CA GLU A 328 -4.54 6.52 19.65
C GLU A 328 -4.33 7.99 19.97
N ILE A 329 -5.01 8.88 19.24
CA ILE A 329 -4.97 10.32 19.56
C ILE A 329 -5.33 10.53 21.02
N ARG A 330 -6.47 9.97 21.43
CA ARG A 330 -6.93 10.13 22.81
CA ARG A 330 -6.92 10.14 22.81
C ARG A 330 -5.86 9.68 23.80
N ARG A 331 -5.29 8.49 23.56
CA ARG A 331 -4.27 7.97 24.45
C ARG A 331 -3.08 8.91 24.56
N ALA A 332 -2.74 9.59 23.46
CA ALA A 332 -1.60 10.51 23.48
C ALA A 332 -1.92 11.76 24.27
N ILE A 333 -3.09 12.35 24.04
CA ILE A 333 -3.48 13.55 24.78
C ILE A 333 -3.68 13.24 26.25
N THR A 334 -4.28 12.09 26.54
CA THR A 334 -4.63 11.75 27.92
C THR A 334 -3.45 11.19 28.70
N GLY A 335 -2.56 10.46 28.05
CA GLY A 335 -1.49 9.78 28.75
C GLY A 335 -0.11 10.34 28.49
N ARG A 336 0.91 9.49 28.60
CA ARG A 336 2.29 9.89 28.43
C ARG A 336 2.84 9.34 27.12
N ILE A 337 3.36 10.23 26.29
CA ILE A 337 4.01 9.81 25.04
C ILE A 337 5.41 9.33 25.37
N PRO A 338 5.88 8.21 24.79
CA PRO A 338 5.19 7.29 23.88
C PRO A 338 4.63 6.06 24.60
N ASP A 339 4.71 6.04 25.93
CA ASP A 339 4.38 4.84 26.68
C ASP A 339 2.93 4.43 26.48
N SER A 340 2.01 5.39 26.42
CA SER A 340 0.60 5.09 26.28
C SER A 340 0.18 4.74 24.86
N LEU A 341 1.10 4.79 23.90
CA LEU A 341 0.78 4.53 22.52
C LEU A 341 0.90 3.04 22.21
N LYS A 342 -0.08 2.52 21.48
CA LYS A 342 -0.09 1.11 21.11
C LYS A 342 0.69 0.81 19.84
N ASN A 343 0.70 1.73 18.89
CA ASN A 343 1.33 1.51 17.59
C ASN A 343 2.19 2.72 17.20
N CYS A 344 3.11 3.10 18.08
CA CYS A 344 4.12 4.09 17.72
C CYS A 344 5.23 3.41 16.93
N VAL A 345 5.59 3.99 15.79
CA VAL A 345 6.55 3.39 14.88
C VAL A 345 7.87 4.17 14.85
N ASN A 346 8.08 5.08 15.81
CA ASN A 346 9.30 5.87 15.83
C ASN A 346 9.79 6.13 17.25
N LYS A 347 9.55 5.18 18.16
CA LYS A 347 10.04 5.32 19.53
C LYS A 347 11.55 5.51 19.55
N ASP A 348 12.27 4.84 18.65
CA ASP A 348 13.73 4.94 18.65
C ASP A 348 14.19 6.35 18.33
N HIS A 349 13.49 7.05 17.45
CA HIS A 349 13.88 8.39 17.02
C HIS A 349 13.33 9.49 17.92
N LEU A 350 12.44 9.17 18.85
CA LEU A 350 11.75 10.20 19.63
C LEU A 350 12.62 10.63 20.81
N THR A 351 12.92 11.93 20.86
CA THR A 351 13.66 12.51 21.99
C THR A 351 13.20 13.94 22.21
#